data_7PBY
#
_entry.id   7PBY
#
_cell.length_a   67.210
_cell.length_b   131.645
_cell.length_c   66.348
_cell.angle_alpha   90.000
_cell.angle_beta   90.000
_cell.angle_gamma   90.000
#
_symmetry.space_group_name_H-M   'P 21 21 2'
#
loop_
_entity.id
_entity.type
_entity.pdbx_description
1 polymer "5'-nucleotidase"
2 non-polymer 'ZINC ION'
3 non-polymer 'CALCIUM ION'
4 non-polymer 'DIMETHYL SULFOXIDE'
5 non-polymer 4-NITROCATECHOL
6 water water
#
_entity_poly.entity_id   1
_entity_poly.type   'polypeptide(L)'
_entity_poly.pdbx_seq_one_letter_code
;MAHHHHHHVGTGSNDDDDKSPDPWELTILHTNDVHSRLEQTSEDSSKCVDASRCMGGVARLFTKVQQIRRAEPNVLLLDA
GDQYQGTIWFTVYKGAEVAHFMNALRYDAMALGNHEFDNGVEGLIEPLLKEAKFPILSANISASGPLASQISGLYLPYKV
LPVGDEVVGIVGYTSKETPFLSNPGTNLVFEDEITALQPEVDKLKTLNVNKIIALGHSGFEMDKLIAQKVRGVDVVVGGH
SNTFLYTGNPPSKEVPAGKYPFIVTSDDGRKVPVVQAYAFGKYLGYLKIEFDERGNVISSHGNPILLDSSIPEDPSIKAD
INKWRIKLDDYSTQELGKTIVYLDGSSQSCRFRECNMGNLICDAMINNNLRHADEMFWNHVSMCILNGGGIRSPIDERND
GTITWENLAAVLPFGGTFDLVQLKGSTLKKAFEHSVHRYGQSTGEFLQVGGIHVVYDLSRKPGDRVVKLDVLCTSCRVPS
YDPLKMDEVYKVILPNFLANGGDGFQMIKDELLRHDSGDQDINVVSTYISKMKVIYPAVEGRIKFS
;
_entity_poly.pdbx_strand_id   A
#
# COMPACT_ATOMS: atom_id res chain seq x y z
N PRO A 23 -13.12 -30.53 -20.14
CA PRO A 23 -12.56 -29.23 -19.77
C PRO A 23 -11.36 -29.39 -18.84
N TRP A 24 -10.45 -28.42 -18.89
CA TRP A 24 -9.24 -28.39 -18.05
C TRP A 24 -9.44 -27.33 -16.98
N GLU A 25 -9.41 -27.72 -15.70
CA GLU A 25 -9.73 -26.78 -14.59
C GLU A 25 -8.44 -26.31 -13.91
N LEU A 26 -8.29 -25.01 -13.79
CA LEU A 26 -7.18 -24.38 -13.08
C LEU A 26 -7.71 -23.71 -11.83
N THR A 27 -6.99 -23.90 -10.72
CA THR A 27 -7.24 -23.18 -9.46
C THR A 27 -6.16 -22.12 -9.28
N ILE A 28 -6.57 -20.86 -9.30
CA ILE A 28 -5.68 -19.72 -9.02
C ILE A 28 -5.86 -19.31 -7.57
N LEU A 29 -4.79 -19.41 -6.80
CA LEU A 29 -4.70 -18.87 -5.45
C LEU A 29 -3.91 -17.58 -5.56
N HIS A 30 -4.38 -16.51 -4.92
CA HIS A 30 -3.68 -15.22 -5.12
C HIS A 30 -3.73 -14.33 -3.91
N THR A 31 -2.63 -13.60 -3.71
CA THR A 31 -2.50 -12.57 -2.69
C THR A 31 -2.09 -11.26 -3.38
N ASN A 32 -2.34 -10.15 -2.69
CA ASN A 32 -1.90 -8.84 -3.17
C ASN A 32 -1.81 -7.90 -1.98
N ASP A 33 -0.91 -6.95 -2.04
CA ASP A 33 -0.82 -5.89 -1.00
C ASP A 33 -0.70 -6.51 0.39
N VAL A 34 0.08 -7.58 0.51
CA VAL A 34 0.33 -8.20 1.83
C VAL A 34 1.02 -7.20 2.76
N HIS A 35 1.90 -6.38 2.23
CA HIS A 35 2.46 -5.24 3.01
C HIS A 35 2.99 -5.69 4.35
N SER A 36 3.88 -6.68 4.29
N SER A 36 3.92 -6.65 4.30
CA SER A 36 4.78 -7.00 5.42
CA SER A 36 4.79 -6.97 5.45
C SER A 36 4.03 -7.59 6.60
C SER A 36 4.00 -7.52 6.63
N ARG A 37 2.84 -8.11 6.36
CA ARG A 37 2.05 -8.78 7.44
C ARG A 37 2.50 -10.24 7.56
N LEU A 38 3.76 -10.43 7.93
CA LEU A 38 4.36 -11.78 8.07
C LEU A 38 3.65 -12.50 9.22
N GLU A 39 3.43 -11.80 10.32
CA GLU A 39 2.72 -12.33 11.49
C GLU A 39 1.21 -12.19 11.32
N GLN A 40 0.48 -13.04 12.02
CA GLN A 40 -0.97 -12.83 12.10
C GLN A 40 -1.25 -11.45 12.71
N THR A 41 -2.41 -10.93 12.36
CA THR A 41 -2.84 -9.56 12.67
C THR A 41 -4.15 -9.59 13.45
N SER A 42 -4.53 -8.44 13.98
CA SER A 42 -5.92 -8.21 14.42
C SER A 42 -6.87 -8.23 13.22
N GLU A 43 -8.18 -8.20 13.49
CA GLU A 43 -9.22 -8.13 12.42
C GLU A 43 -9.03 -6.90 11.53
N ASP A 44 -8.51 -5.78 12.04
N ASP A 44 -8.47 -5.83 12.10
CA ASP A 44 -8.29 -4.54 11.22
CA ASP A 44 -8.25 -4.52 11.42
C ASP A 44 -6.80 -4.46 10.81
C ASP A 44 -6.88 -4.50 10.71
N SER A 45 -6.11 -5.59 10.80
CA SER A 45 -4.77 -5.71 10.21
C SER A 45 -3.72 -4.88 10.96
N SER A 46 -3.99 -4.58 12.22
N SER A 46 -3.98 -4.66 12.24
CA SER A 46 -2.98 -4.02 13.15
CA SER A 46 -3.03 -4.04 13.20
C SER A 46 -2.47 -5.15 14.04
C SER A 46 -2.30 -5.15 13.93
N LYS A 47 -1.63 -4.81 15.02
CA LYS A 47 -0.98 -5.82 15.88
C LYS A 47 -2.02 -6.82 16.41
N CYS A 48 -1.68 -8.09 16.36
CA CYS A 48 -2.47 -9.16 16.99
C CYS A 48 -2.34 -9.04 18.52
N VAL A 49 -3.48 -8.87 19.18
CA VAL A 49 -3.58 -8.77 20.67
C VAL A 49 -4.34 -9.98 21.23
N ASP A 50 -5.47 -10.36 20.65
CA ASP A 50 -6.32 -11.46 21.13
C ASP A 50 -6.20 -12.62 20.13
N ALA A 51 -5.29 -13.57 20.38
CA ALA A 51 -4.92 -14.66 19.43
C ALA A 51 -6.16 -15.33 18.81
N SER A 52 -7.18 -15.57 19.63
N SER A 52 -7.18 -15.57 19.62
CA SER A 52 -8.44 -16.26 19.24
CA SER A 52 -8.42 -16.27 19.22
C SER A 52 -9.16 -15.49 18.12
C SER A 52 -9.17 -15.49 18.13
N ARG A 53 -8.88 -14.20 17.99
CA ARG A 53 -9.53 -13.31 16.97
C ARG A 53 -8.50 -12.86 15.94
N CYS A 54 -7.30 -13.47 15.90
CA CYS A 54 -6.26 -12.99 14.95
C CYS A 54 -6.43 -13.71 13.61
N MET A 55 -5.72 -13.22 12.63
N MET A 55 -5.93 -13.01 12.58
CA MET A 55 -6.00 -13.63 11.26
CA MET A 55 -6.16 -13.25 11.13
C MET A 55 -4.81 -13.39 10.38
C MET A 55 -4.82 -13.40 10.39
N GLY A 56 -4.79 -14.11 9.27
CA GLY A 56 -3.70 -13.95 8.31
C GLY A 56 -2.38 -14.41 8.86
N GLY A 57 -1.33 -13.80 8.35
CA GLY A 57 0.05 -14.22 8.57
C GLY A 57 0.46 -15.37 7.67
N VAL A 58 1.76 -15.50 7.45
CA VAL A 58 2.26 -16.52 6.48
C VAL A 58 2.13 -17.95 7.03
N ALA A 59 2.19 -18.14 8.35
CA ALA A 59 2.08 -19.53 8.88
C ALA A 59 0.68 -20.09 8.59
N ARG A 60 -0.35 -19.27 8.78
CA ARG A 60 -1.74 -19.67 8.49
C ARG A 60 -1.94 -19.83 6.99
N LEU A 61 -1.41 -18.89 6.20
CA LEU A 61 -1.53 -19.02 4.74
C LEU A 61 -0.94 -20.36 4.30
N PHE A 62 0.22 -20.72 4.84
CA PHE A 62 0.89 -21.97 4.48
C PHE A 62 -0.08 -23.15 4.66
N THR A 63 -0.72 -23.21 5.82
CA THR A 63 -1.67 -24.30 6.10
C THR A 63 -2.73 -24.40 4.99
N LYS A 64 -3.36 -23.27 4.66
CA LYS A 64 -4.47 -23.27 3.70
C LYS A 64 -3.97 -23.63 2.29
N VAL A 65 -2.87 -23.03 1.86
CA VAL A 65 -2.32 -23.34 0.53
C VAL A 65 -1.99 -24.84 0.46
N GLN A 66 -1.34 -25.38 1.46
CA GLN A 66 -0.98 -26.80 1.48
C GLN A 66 -2.23 -27.67 1.37
N GLN A 67 -3.26 -27.32 2.11
CA GLN A 67 -4.53 -28.08 2.06
C GLN A 67 -5.09 -28.07 0.64
N ILE A 68 -5.16 -26.92 0.01
CA ILE A 68 -5.74 -26.83 -1.34
C ILE A 68 -4.89 -27.61 -2.34
N ARG A 69 -3.58 -27.54 -2.23
CA ARG A 69 -2.70 -28.27 -3.16
C ARG A 69 -2.83 -29.78 -2.99
N ARG A 70 -3.27 -30.26 -1.82
CA ARG A 70 -3.51 -31.71 -1.67
C ARG A 70 -4.75 -32.11 -2.45
N ALA A 71 -5.73 -31.23 -2.61
CA ALA A 71 -7.08 -31.55 -3.14
C ALA A 71 -7.22 -31.28 -4.65
N GLU A 72 -6.57 -30.22 -5.15
N GLU A 72 -6.47 -30.33 -5.19
CA GLU A 72 -6.75 -29.73 -6.55
CA GLU A 72 -6.77 -29.83 -6.55
C GLU A 72 -5.53 -30.10 -7.38
C GLU A 72 -5.54 -29.98 -7.44
N PRO A 73 -5.69 -30.66 -8.60
CA PRO A 73 -4.54 -31.04 -9.42
C PRO A 73 -3.72 -29.91 -10.05
N ASN A 74 -4.39 -28.85 -10.46
CA ASN A 74 -3.80 -27.77 -11.30
C ASN A 74 -3.90 -26.48 -10.51
N VAL A 75 -2.87 -26.11 -9.77
CA VAL A 75 -2.89 -24.96 -8.86
C VAL A 75 -1.73 -24.02 -9.20
N LEU A 76 -2.03 -22.73 -9.27
CA LEU A 76 -0.98 -21.70 -9.28
C LEU A 76 -1.21 -20.79 -8.07
N LEU A 77 -0.13 -20.46 -7.39
CA LEU A 77 -0.14 -19.47 -6.29
C LEU A 77 0.60 -18.23 -6.77
N LEU A 78 -0.14 -17.13 -6.87
CA LEU A 78 0.33 -15.88 -7.52
C LEU A 78 0.27 -14.74 -6.50
N ASP A 79 1.22 -13.81 -6.62
CA ASP A 79 1.16 -12.56 -5.84
C ASP A 79 1.16 -11.40 -6.80
N ALA A 80 0.24 -10.45 -6.59
CA ALA A 80 0.11 -9.27 -7.48
C ALA A 80 0.83 -8.02 -6.95
N GLY A 81 1.85 -8.21 -6.12
CA GLY A 81 2.77 -7.14 -5.76
C GLY A 81 2.47 -6.50 -4.41
N ASP A 82 3.39 -5.66 -3.97
CA ASP A 82 3.33 -4.93 -2.70
C ASP A 82 3.38 -5.90 -1.50
N GLN A 83 4.34 -6.82 -1.56
CA GLN A 83 4.83 -7.49 -0.35
C GLN A 83 5.69 -6.53 0.48
N TYR A 84 6.51 -5.71 -0.18
CA TYR A 84 7.33 -4.70 0.52
C TYR A 84 6.42 -3.69 1.23
N GLN A 85 6.93 -3.20 2.36
CA GLN A 85 6.48 -2.02 3.12
C GLN A 85 5.25 -2.34 3.98
N GLY A 86 5.31 -2.08 5.29
CA GLY A 86 4.12 -2.14 6.10
C GLY A 86 4.35 -2.36 7.58
N THR A 87 5.43 -3.03 7.97
CA THR A 87 5.72 -3.31 9.38
C THR A 87 7.23 -3.25 9.59
N ILE A 88 7.60 -3.38 10.85
CA ILE A 88 9.02 -3.45 11.28
C ILE A 88 9.74 -4.61 10.57
N TRP A 89 9.05 -5.67 10.13
CA TRP A 89 9.70 -6.72 9.33
C TRP A 89 10.47 -6.12 8.17
N PHE A 90 9.80 -5.28 7.40
CA PHE A 90 10.42 -4.65 6.21
C PHE A 90 11.49 -3.66 6.61
N THR A 91 11.27 -2.90 7.67
CA THR A 91 12.29 -1.96 8.17
C THR A 91 13.61 -2.66 8.45
N VAL A 92 13.54 -3.82 9.10
CA VAL A 92 14.74 -4.55 9.55
C VAL A 92 15.31 -5.44 8.44
N TYR A 93 14.47 -6.23 7.79
CA TYR A 93 14.95 -7.27 6.85
C TYR A 93 14.94 -6.81 5.40
N LYS A 94 14.25 -5.71 5.08
CA LYS A 94 14.43 -4.99 3.79
C LYS A 94 14.13 -5.87 2.58
N GLY A 95 13.23 -6.84 2.72
CA GLY A 95 12.83 -7.71 1.61
C GLY A 95 13.39 -9.11 1.74
N ALA A 96 14.40 -9.35 2.58
CA ALA A 96 14.91 -10.71 2.77
C ALA A 96 13.81 -11.61 3.32
N GLU A 97 12.94 -11.05 4.16
CA GLU A 97 11.79 -11.80 4.72
C GLU A 97 10.81 -12.18 3.61
N VAL A 98 10.64 -11.31 2.63
CA VAL A 98 9.72 -11.59 1.50
C VAL A 98 10.28 -12.77 0.71
N ALA A 99 11.55 -12.69 0.29
CA ALA A 99 12.11 -13.83 -0.48
C ALA A 99 11.99 -15.10 0.36
N HIS A 100 12.39 -15.05 1.61
CA HIS A 100 12.46 -16.28 2.43
C HIS A 100 11.08 -16.91 2.58
N PHE A 101 10.09 -16.13 2.99
CA PHE A 101 8.77 -16.72 3.30
C PHE A 101 7.96 -16.99 2.03
N MET A 102 8.10 -16.18 0.98
CA MET A 102 7.44 -16.53 -0.30
C MET A 102 8.06 -17.82 -0.87
N ASN A 103 9.36 -18.00 -0.72
CA ASN A 103 10.02 -19.25 -1.16
C ASN A 103 9.46 -20.42 -0.36
N ALA A 104 9.28 -20.25 0.96
CA ALA A 104 8.75 -21.33 1.81
C ALA A 104 7.32 -21.72 1.40
N LEU A 105 6.49 -20.75 1.03
N LEU A 105 6.54 -20.74 0.98
CA LEU A 105 5.10 -21.04 0.58
CA LEU A 105 5.13 -20.95 0.53
C LEU A 105 5.10 -21.57 -0.86
C LEU A 105 5.10 -21.53 -0.89
N ARG A 106 6.23 -21.50 -1.59
CA ARG A 106 6.35 -21.95 -3.00
C ARG A 106 5.38 -21.19 -3.90
N TYR A 107 5.42 -19.86 -3.81
CA TYR A 107 4.77 -19.03 -4.85
C TYR A 107 5.25 -19.47 -6.22
N ASP A 108 4.35 -19.42 -7.18
CA ASP A 108 4.64 -19.72 -8.59
C ASP A 108 5.07 -18.51 -9.41
N ALA A 109 4.58 -17.32 -9.07
CA ALA A 109 4.98 -16.08 -9.75
C ALA A 109 4.52 -14.90 -8.94
N MET A 110 5.18 -13.76 -9.16
CA MET A 110 4.84 -12.48 -8.51
C MET A 110 4.97 -11.36 -9.53
N ALA A 111 4.05 -10.41 -9.51
CA ALA A 111 4.22 -9.14 -10.25
C ALA A 111 4.83 -8.09 -9.34
N LEU A 112 5.64 -7.22 -9.92
CA LEU A 112 6.18 -6.06 -9.17
C LEU A 112 5.07 -5.05 -8.87
N GLY A 113 5.02 -4.65 -7.60
CA GLY A 113 4.16 -3.54 -7.18
C GLY A 113 4.95 -2.26 -7.01
N ASN A 114 4.23 -1.16 -6.76
CA ASN A 114 4.94 0.11 -6.56
C ASN A 114 5.88 0.06 -5.36
N HIS A 115 5.42 -0.55 -4.26
CA HIS A 115 6.26 -0.52 -3.03
C HIS A 115 7.50 -1.40 -3.14
N GLU A 116 7.60 -2.29 -4.13
CA GLU A 116 8.85 -3.01 -4.39
C GLU A 116 9.99 -2.04 -4.77
N PHE A 117 9.70 -0.78 -5.07
CA PHE A 117 10.75 0.22 -5.40
C PHE A 117 11.03 1.14 -4.22
N ASP A 118 10.53 0.86 -3.01
CA ASP A 118 10.67 1.82 -1.90
C ASP A 118 12.12 2.04 -1.51
N ASN A 119 12.96 1.01 -1.63
CA ASN A 119 14.42 1.13 -1.34
C ASN A 119 15.22 1.24 -2.64
N GLY A 120 14.63 1.82 -3.67
CA GLY A 120 15.32 1.99 -4.95
C GLY A 120 15.44 0.70 -5.71
N VAL A 121 15.98 0.82 -6.90
N VAL A 121 16.01 0.74 -6.89
CA VAL A 121 16.21 -0.37 -7.74
CA VAL A 121 16.20 -0.52 -7.68
C VAL A 121 17.19 -1.31 -6.99
C VAL A 121 17.24 -1.39 -6.96
N GLU A 122 18.20 -0.77 -6.28
CA GLU A 122 19.22 -1.59 -5.57
C GLU A 122 18.55 -2.45 -4.50
N GLY A 123 17.55 -1.89 -3.81
CA GLY A 123 16.81 -2.57 -2.74
C GLY A 123 15.77 -3.55 -3.25
N LEU A 124 15.58 -3.61 -4.56
CA LEU A 124 14.73 -4.61 -5.22
C LEU A 124 15.62 -5.75 -5.75
N ILE A 125 16.69 -5.42 -6.47
CA ILE A 125 17.62 -6.41 -7.01
C ILE A 125 18.15 -7.30 -5.88
N GLU A 126 18.75 -6.74 -4.82
N GLU A 126 18.60 -6.61 -4.81
CA GLU A 126 19.63 -7.58 -3.95
CA GLU A 126 19.09 -7.25 -3.58
C GLU A 126 18.79 -8.51 -3.07
C GLU A 126 18.28 -6.80 -2.38
N PRO A 127 17.80 -7.99 -2.31
N PRO A 127 17.34 -7.65 -1.88
CA PRO A 127 17.07 -8.85 -1.40
CA PRO A 127 17.50 -9.10 -1.83
C PRO A 127 16.01 -9.71 -2.10
C PRO A 127 16.53 -9.83 -2.79
N LEU A 128 15.42 -9.22 -3.20
CA LEU A 128 14.27 -9.99 -3.75
C LEU A 128 14.57 -10.61 -5.10
N LEU A 129 14.99 -9.83 -6.11
CA LEU A 129 15.13 -10.46 -7.45
C LEU A 129 16.22 -11.55 -7.42
N LYS A 130 17.27 -11.36 -6.66
CA LYS A 130 18.37 -12.36 -6.66
C LYS A 130 18.04 -13.56 -5.78
N GLU A 131 17.10 -13.46 -4.84
CA GLU A 131 16.85 -14.56 -3.87
C GLU A 131 15.52 -15.30 -4.11
N ALA A 132 14.58 -14.75 -4.87
CA ALA A 132 13.31 -15.44 -5.15
C ALA A 132 13.57 -16.69 -5.96
N LYS A 133 12.83 -17.74 -5.64
CA LYS A 133 12.89 -19.00 -6.43
C LYS A 133 11.75 -19.13 -7.41
N PHE A 134 11.08 -18.04 -7.66
CA PHE A 134 9.96 -17.94 -8.60
C PHE A 134 10.18 -16.72 -9.48
N PRO A 135 9.58 -16.70 -10.68
CA PRO A 135 9.71 -15.56 -11.58
C PRO A 135 8.98 -14.33 -11.03
N ILE A 136 9.61 -13.18 -11.25
CA ILE A 136 9.06 -11.87 -10.87
C ILE A 136 8.88 -11.08 -12.16
N LEU A 137 7.68 -10.53 -12.31
CA LEU A 137 7.15 -10.12 -13.64
C LEU A 137 6.75 -8.66 -13.68
N SER A 138 7.09 -8.01 -14.80
CA SER A 138 6.46 -6.73 -15.21
C SER A 138 6.83 -6.46 -16.66
N ALA A 139 5.83 -6.34 -17.52
CA ALA A 139 6.06 -6.13 -18.96
C ALA A 139 6.17 -4.65 -19.31
N ASN A 140 5.87 -3.72 -18.38
CA ASN A 140 5.82 -2.30 -18.75
C ASN A 140 6.87 -1.47 -18.03
N ILE A 141 7.95 -2.06 -17.60
CA ILE A 141 9.09 -1.34 -16.99
C ILE A 141 10.30 -1.59 -17.86
N SER A 142 10.92 -0.53 -18.34
CA SER A 142 12.16 -0.63 -19.13
C SER A 142 13.27 0.17 -18.46
N ALA A 143 14.50 -0.25 -18.69
CA ALA A 143 15.71 0.40 -18.16
C ALA A 143 16.58 0.83 -19.35
N SER A 144 17.48 1.74 -19.08
CA SER A 144 18.47 2.21 -20.09
C SER A 144 19.84 2.27 -19.43
N GLY A 145 20.85 2.44 -20.27
CA GLY A 145 22.24 2.59 -19.81
C GLY A 145 22.69 1.35 -19.04
N PRO A 146 23.72 1.49 -18.20
CA PRO A 146 24.26 0.38 -17.44
C PRO A 146 23.19 -0.39 -16.64
N LEU A 147 22.16 0.29 -16.14
CA LEU A 147 21.12 -0.41 -15.35
C LEU A 147 20.47 -1.49 -16.23
N ALA A 148 20.24 -1.21 -17.50
CA ALA A 148 19.58 -2.20 -18.37
C ALA A 148 20.39 -3.51 -18.34
N SER A 149 21.71 -3.43 -18.46
CA SER A 149 22.55 -4.64 -18.44
C SER A 149 22.54 -5.30 -17.06
N GLN A 150 22.56 -4.48 -16.02
N GLN A 150 22.58 -4.50 -16.01
CA GLN A 150 22.60 -4.96 -14.62
CA GLN A 150 22.59 -5.03 -14.62
C GLN A 150 21.34 -5.76 -14.28
C GLN A 150 21.31 -5.83 -14.31
N ILE A 151 20.17 -5.38 -14.81
CA ILE A 151 18.89 -5.96 -14.38
C ILE A 151 18.32 -6.93 -15.40
N SER A 152 18.92 -7.06 -16.58
CA SER A 152 18.35 -7.85 -17.68
C SER A 152 18.06 -9.27 -17.21
N GLY A 153 16.82 -9.70 -17.34
CA GLY A 153 16.44 -11.07 -16.97
C GLY A 153 16.11 -11.24 -15.50
N LEU A 154 16.40 -10.26 -14.64
CA LEU A 154 16.13 -10.45 -13.19
C LEU A 154 14.64 -10.26 -12.89
N TYR A 155 13.94 -9.52 -13.73
CA TYR A 155 12.46 -9.55 -13.84
C TYR A 155 12.17 -9.75 -15.32
N LEU A 156 10.99 -10.26 -15.62
CA LEU A 156 10.63 -10.69 -16.99
C LEU A 156 9.29 -10.09 -17.37
N PRO A 157 9.01 -9.93 -18.66
CA PRO A 157 7.69 -9.46 -19.04
C PRO A 157 6.60 -10.50 -18.76
N TYR A 158 6.96 -11.76 -18.89
CA TYR A 158 6.03 -12.89 -18.71
C TYR A 158 6.86 -14.12 -18.38
N LYS A 159 6.15 -15.16 -17.99
N LYS A 159 6.18 -15.15 -17.85
CA LYS A 159 6.78 -16.49 -17.92
CA LYS A 159 6.71 -16.52 -17.69
C LYS A 159 5.71 -17.53 -18.17
C LYS A 159 5.66 -17.49 -18.24
N VAL A 160 6.08 -18.53 -18.96
CA VAL A 160 5.18 -19.65 -19.31
C VAL A 160 5.49 -20.78 -18.33
N LEU A 161 4.47 -21.19 -17.58
CA LEU A 161 4.64 -22.19 -16.51
C LEU A 161 3.96 -23.49 -16.88
N PRO A 162 4.61 -24.62 -16.63
CA PRO A 162 3.95 -25.92 -16.77
C PRO A 162 2.97 -26.10 -15.60
N VAL A 163 1.78 -26.58 -15.93
CA VAL A 163 0.74 -26.94 -14.93
C VAL A 163 0.13 -28.27 -15.39
N GLY A 164 0.41 -29.37 -14.72
CA GLY A 164 -0.07 -30.68 -15.26
C GLY A 164 0.58 -30.95 -16.64
N ASP A 165 -0.19 -31.44 -17.64
CA ASP A 165 0.33 -31.63 -19.03
C ASP A 165 0.03 -30.38 -19.86
N GLU A 166 -0.25 -29.23 -19.22
CA GLU A 166 -0.56 -27.99 -19.96
C GLU A 166 0.47 -26.91 -19.64
N VAL A 167 0.36 -25.76 -20.30
CA VAL A 167 1.17 -24.57 -19.94
C VAL A 167 0.22 -23.38 -19.80
N VAL A 168 0.61 -22.45 -18.94
CA VAL A 168 -0.13 -21.20 -18.70
C VAL A 168 0.86 -20.05 -18.79
N GLY A 169 0.56 -19.05 -19.61
CA GLY A 169 1.36 -17.82 -19.64
C GLY A 169 0.90 -16.84 -18.60
N ILE A 170 1.85 -16.15 -17.99
N ILE A 170 1.83 -16.32 -17.81
CA ILE A 170 1.55 -15.11 -16.98
CA ILE A 170 1.57 -15.26 -16.79
C ILE A 170 2.34 -13.85 -17.31
C ILE A 170 2.25 -14.02 -17.32
N VAL A 171 1.60 -12.82 -17.70
N VAL A 171 1.51 -12.93 -17.52
CA VAL A 171 2.16 -11.52 -18.16
CA VAL A 171 2.13 -11.66 -18.00
C VAL A 171 1.96 -10.50 -17.05
C VAL A 171 1.97 -10.62 -16.90
N GLY A 172 3.03 -9.84 -16.62
CA GLY A 172 3.01 -8.92 -15.49
C GLY A 172 2.85 -7.46 -15.88
N TYR A 173 2.44 -6.63 -14.92
CA TYR A 173 2.37 -5.17 -15.13
C TYR A 173 2.43 -4.47 -13.79
N THR A 174 2.84 -3.21 -13.84
CA THR A 174 3.08 -2.39 -12.64
C THR A 174 2.56 -0.98 -12.88
N SER A 175 1.97 -0.38 -11.84
CA SER A 175 1.39 0.98 -11.95
C SER A 175 2.34 1.92 -12.70
N LYS A 176 1.80 2.61 -13.71
CA LYS A 176 2.53 3.67 -14.41
C LYS A 176 2.81 4.83 -13.47
N GLU A 177 2.09 4.94 -12.37
CA GLU A 177 2.24 6.03 -11.42
C GLU A 177 3.34 5.75 -10.39
N THR A 178 4.03 4.61 -10.49
CA THR A 178 5.07 4.22 -9.51
C THR A 178 6.07 5.35 -9.23
N PRO A 179 6.52 6.17 -10.21
CA PRO A 179 7.48 7.24 -9.86
C PRO A 179 6.96 8.26 -8.82
N PHE A 180 5.64 8.40 -8.72
CA PHE A 180 4.99 9.32 -7.73
C PHE A 180 4.71 8.63 -6.40
N LEU A 181 4.82 7.30 -6.38
CA LEU A 181 4.32 6.44 -5.26
C LEU A 181 5.40 5.58 -4.64
N SER A 182 6.67 5.80 -5.03
CA SER A 182 7.83 5.00 -4.59
C SER A 182 9.09 5.68 -5.10
N ASN A 183 10.21 4.98 -4.98
CA ASN A 183 11.55 5.54 -5.26
C ASN A 183 12.28 4.77 -6.36
N PRO A 184 11.69 4.57 -7.57
CA PRO A 184 12.34 3.79 -8.61
C PRO A 184 13.56 4.39 -9.28
N GLY A 185 13.79 5.68 -9.09
N GLY A 185 13.83 5.67 -9.04
CA GLY A 185 14.95 6.35 -9.68
CA GLY A 185 14.98 6.38 -9.62
C GLY A 185 14.70 6.69 -11.14
C GLY A 185 14.61 7.03 -10.94
N THR A 186 15.61 7.47 -11.69
CA THR A 186 15.37 8.25 -12.93
C THR A 186 15.75 7.44 -14.17
N ASN A 187 16.15 6.20 -14.03
CA ASN A 187 16.48 5.40 -15.21
C ASN A 187 15.22 4.69 -15.72
N LEU A 188 14.56 3.97 -14.83
CA LEU A 188 13.41 3.12 -15.20
C LEU A 188 12.29 3.98 -15.77
N VAL A 189 11.65 3.44 -16.81
CA VAL A 189 10.48 4.05 -17.45
C VAL A 189 9.31 3.10 -17.27
N PHE A 190 8.20 3.65 -16.78
CA PHE A 190 6.94 2.89 -16.59
C PHE A 190 6.01 3.27 -17.75
N GLU A 191 5.82 2.33 -18.66
CA GLU A 191 4.99 2.50 -19.87
C GLU A 191 3.52 2.29 -19.52
N ASP A 192 2.66 2.85 -20.34
CA ASP A 192 1.23 2.55 -20.27
C ASP A 192 1.04 1.02 -20.28
N GLU A 193 0.24 0.54 -19.36
CA GLU A 193 0.10 -0.91 -19.16
C GLU A 193 -0.46 -1.59 -20.43
N ILE A 194 -1.56 -1.10 -20.98
CA ILE A 194 -2.21 -1.79 -22.11
C ILE A 194 -1.25 -1.79 -23.32
N THR A 195 -0.59 -0.66 -23.57
CA THR A 195 0.37 -0.50 -24.69
C THR A 195 1.46 -1.58 -24.57
N ALA A 196 2.00 -1.78 -23.38
CA ALA A 196 3.11 -2.74 -23.16
C ALA A 196 2.58 -4.18 -23.20
N LEU A 197 1.41 -4.44 -22.64
CA LEU A 197 0.90 -5.82 -22.53
C LEU A 197 0.52 -6.42 -23.87
N GLN A 198 -0.11 -5.66 -24.78
CA GLN A 198 -0.72 -6.32 -25.94
C GLN A 198 0.33 -7.05 -26.78
N PRO A 199 1.48 -6.44 -27.10
CA PRO A 199 2.43 -7.16 -27.94
C PRO A 199 2.95 -8.44 -27.28
N GLU A 200 3.06 -8.48 -25.94
CA GLU A 200 3.55 -9.69 -25.24
C GLU A 200 2.49 -10.79 -25.34
N VAL A 201 1.22 -10.44 -25.15
CA VAL A 201 0.11 -11.42 -25.27
C VAL A 201 0.01 -11.90 -26.72
N ASP A 202 0.18 -11.01 -27.70
CA ASP A 202 0.24 -11.39 -29.13
C ASP A 202 1.36 -12.43 -29.33
N LYS A 203 2.54 -12.16 -28.77
CA LYS A 203 3.71 -13.05 -28.93
C LYS A 203 3.37 -14.42 -28.37
N LEU A 204 2.80 -14.47 -27.18
CA LEU A 204 2.47 -15.77 -26.57
C LEU A 204 1.51 -16.57 -27.46
N LYS A 205 0.54 -15.92 -28.10
CA LYS A 205 -0.39 -16.62 -29.02
C LYS A 205 0.42 -17.25 -30.16
N THR A 206 1.44 -16.55 -30.68
CA THR A 206 2.26 -17.08 -31.80
C THR A 206 3.11 -18.26 -31.34
N LEU A 207 3.32 -18.41 -30.04
CA LEU A 207 4.10 -19.50 -29.43
C LEU A 207 3.18 -20.59 -28.87
N ASN A 208 1.92 -20.64 -29.30
CA ASN A 208 0.92 -21.69 -28.97
C ASN A 208 0.63 -21.70 -27.46
N VAL A 209 0.67 -20.55 -26.81
CA VAL A 209 0.22 -20.42 -25.40
C VAL A 209 -1.17 -19.79 -25.43
N ASN A 210 -2.20 -20.59 -25.18
CA ASN A 210 -3.61 -20.17 -25.37
C ASN A 210 -4.30 -19.89 -24.03
N LYS A 211 -3.62 -20.06 -22.90
CA LYS A 211 -4.18 -19.75 -21.56
C LYS A 211 -3.27 -18.70 -20.96
N ILE A 212 -3.82 -17.51 -20.74
CA ILE A 212 -3.00 -16.32 -20.38
C ILE A 212 -3.64 -15.62 -19.20
N ILE A 213 -2.86 -15.45 -18.14
CA ILE A 213 -3.23 -14.66 -16.94
C ILE A 213 -2.46 -13.34 -16.97
N ALA A 214 -3.16 -12.22 -16.84
CA ALA A 214 -2.50 -10.94 -16.58
C ALA A 214 -2.45 -10.76 -15.07
N LEU A 215 -1.25 -10.64 -14.51
CA LEU A 215 -0.99 -10.52 -13.07
C LEU A 215 -0.30 -9.19 -12.87
N GLY A 216 -0.92 -8.28 -12.13
CA GLY A 216 -0.23 -6.98 -12.02
C GLY A 216 -0.83 -6.05 -11.02
N HIS A 217 -0.24 -4.85 -10.98
CA HIS A 217 -0.29 -3.97 -9.81
C HIS A 217 -0.58 -2.52 -10.20
N SER A 218 -1.79 -2.27 -10.67
CA SER A 218 -2.20 -0.93 -11.11
C SER A 218 -3.54 -0.47 -10.53
N GLY A 219 -4.27 -1.34 -9.87
CA GLY A 219 -5.57 -0.97 -9.30
C GLY A 219 -6.72 -1.54 -10.09
N PHE A 220 -7.83 -1.73 -9.40
CA PHE A 220 -9.05 -2.35 -9.98
C PHE A 220 -9.52 -1.63 -11.24
N GLU A 221 -9.49 -0.30 -11.27
CA GLU A 221 -9.97 0.39 -12.48
C GLU A 221 -9.11 0.03 -13.70
N MET A 222 -7.80 0.08 -13.55
CA MET A 222 -6.94 -0.32 -14.67
C MET A 222 -7.11 -1.82 -14.96
N ASP A 223 -7.27 -2.67 -13.95
CA ASP A 223 -7.48 -4.11 -14.18
C ASP A 223 -8.68 -4.32 -15.10
N LYS A 224 -9.76 -3.57 -14.89
CA LYS A 224 -10.96 -3.74 -15.75
C LYS A 224 -10.67 -3.27 -17.18
N LEU A 225 -9.90 -2.22 -17.34
CA LEU A 225 -9.52 -1.73 -18.69
C LEU A 225 -8.64 -2.78 -19.40
N ILE A 226 -7.73 -3.41 -18.67
CA ILE A 226 -6.86 -4.47 -19.27
C ILE A 226 -7.76 -5.63 -19.71
N ALA A 227 -8.67 -6.06 -18.86
CA ALA A 227 -9.60 -7.15 -19.21
C ALA A 227 -10.39 -6.81 -20.47
N GLN A 228 -10.79 -5.55 -20.59
CA GLN A 228 -11.60 -5.11 -21.74
C GLN A 228 -10.74 -5.06 -23.02
N LYS A 229 -9.53 -4.52 -22.93
CA LYS A 229 -8.81 -4.04 -24.14
C LYS A 229 -7.66 -4.97 -24.56
N VAL A 230 -7.06 -5.73 -23.65
CA VAL A 230 -5.92 -6.59 -24.06
C VAL A 230 -6.46 -7.93 -24.57
N ARG A 231 -6.47 -8.04 -25.90
CA ARG A 231 -7.05 -9.19 -26.58
C ARG A 231 -6.20 -10.42 -26.24
N GLY A 232 -6.84 -11.50 -25.81
CA GLY A 232 -6.17 -12.76 -25.48
C GLY A 232 -5.95 -12.94 -23.98
N VAL A 233 -6.17 -11.91 -23.16
CA VAL A 233 -6.10 -12.12 -21.69
C VAL A 233 -7.33 -12.92 -21.25
N ASP A 234 -7.11 -14.01 -20.52
CA ASP A 234 -8.25 -14.85 -20.08
C ASP A 234 -8.76 -14.49 -18.68
N VAL A 235 -7.89 -13.95 -17.84
N VAL A 235 -7.86 -13.98 -17.84
CA VAL A 235 -8.25 -13.60 -16.44
CA VAL A 235 -8.10 -13.69 -16.41
C VAL A 235 -7.23 -12.56 -15.99
C VAL A 235 -7.19 -12.50 -16.04
N VAL A 236 -7.70 -11.60 -15.21
CA VAL A 236 -6.85 -10.54 -14.61
C VAL A 236 -6.82 -10.73 -13.09
N VAL A 237 -5.61 -10.81 -12.54
CA VAL A 237 -5.34 -10.94 -11.10
C VAL A 237 -4.61 -9.67 -10.68
N GLY A 238 -5.31 -8.81 -9.94
CA GLY A 238 -4.79 -7.46 -9.65
C GLY A 238 -4.54 -7.15 -8.20
N GLY A 239 -4.32 -5.87 -7.96
CA GLY A 239 -3.86 -5.37 -6.67
C GLY A 239 -3.85 -3.87 -6.64
N HIS A 240 -3.12 -3.34 -5.67
CA HIS A 240 -2.81 -1.91 -5.48
C HIS A 240 -3.91 -1.12 -4.76
N SER A 241 -5.16 -1.30 -5.20
CA SER A 241 -6.33 -0.58 -4.67
C SER A 241 -6.93 -1.26 -3.44
N ASN A 242 -6.40 -2.40 -3.02
N ASN A 242 -6.32 -2.34 -2.98
CA ASN A 242 -6.89 -3.10 -1.80
CA ASN A 242 -6.82 -3.09 -1.78
C ASN A 242 -8.36 -3.46 -1.97
C ASN A 242 -8.30 -3.45 -1.97
N THR A 243 -8.71 -3.85 -3.18
CA THR A 243 -10.12 -4.05 -3.51
C THR A 243 -10.61 -5.40 -2.98
N PHE A 244 -11.73 -5.35 -2.26
CA PHE A 244 -12.41 -6.56 -1.79
C PHE A 244 -13.60 -6.84 -2.69
N LEU A 245 -13.59 -8.01 -3.30
CA LEU A 245 -14.68 -8.55 -4.14
C LEU A 245 -15.21 -9.80 -3.48
N TYR A 246 -16.53 -10.02 -3.56
CA TYR A 246 -17.12 -11.20 -2.90
C TYR A 246 -18.45 -11.51 -3.56
N THR A 247 -18.74 -12.81 -3.66
CA THR A 247 -20.03 -13.32 -4.13
C THR A 247 -20.75 -13.94 -2.95
N GLY A 248 -21.76 -13.26 -2.43
CA GLY A 248 -22.55 -13.72 -1.28
C GLY A 248 -22.39 -12.81 -0.09
N ASN A 249 -22.66 -13.36 1.09
N ASN A 249 -22.86 -13.28 1.04
CA ASN A 249 -22.56 -12.62 2.36
CA ASN A 249 -22.78 -12.50 2.28
C ASN A 249 -21.10 -12.51 2.74
C ASN A 249 -21.31 -12.48 2.73
N PRO A 250 -20.64 -11.29 2.96
CA PRO A 250 -19.23 -11.19 3.30
C PRO A 250 -18.93 -11.84 4.64
N PRO A 251 -17.74 -12.43 4.78
CA PRO A 251 -17.41 -13.17 5.99
C PRO A 251 -16.86 -12.35 7.16
N SER A 252 -16.50 -11.10 6.92
CA SER A 252 -15.87 -10.21 7.92
C SER A 252 -16.39 -8.79 7.71
N LYS A 253 -15.59 -7.79 8.08
CA LYS A 253 -16.04 -6.38 8.13
CA LYS A 253 -16.04 -6.38 8.13
C LYS A 253 -15.87 -5.70 6.76
N GLU A 254 -15.06 -6.26 5.87
CA GLU A 254 -14.84 -5.60 4.56
C GLU A 254 -16.12 -5.68 3.73
N VAL A 255 -16.45 -4.57 3.11
CA VAL A 255 -17.65 -4.39 2.25
C VAL A 255 -17.23 -4.57 0.80
N PRO A 256 -17.83 -5.52 0.07
CA PRO A 256 -17.41 -5.77 -1.30
C PRO A 256 -17.67 -4.57 -2.24
N ALA A 257 -16.73 -4.35 -3.15
CA ALA A 257 -16.88 -3.36 -4.23
C ALA A 257 -17.61 -3.95 -5.42
N GLY A 258 -17.79 -5.27 -5.45
CA GLY A 258 -18.43 -6.00 -6.55
C GLY A 258 -18.35 -7.47 -6.31
N LYS A 259 -18.87 -8.24 -7.24
CA LYS A 259 -18.84 -9.71 -7.18
C LYS A 259 -17.40 -10.21 -7.40
N TYR A 260 -17.18 -11.43 -6.91
CA TYR A 260 -15.94 -12.19 -7.17
C TYR A 260 -16.28 -13.40 -8.01
N PRO A 261 -15.71 -13.57 -9.21
CA PRO A 261 -14.93 -12.54 -9.92
C PRO A 261 -15.84 -11.43 -10.44
N PHE A 262 -15.21 -10.31 -10.80
CA PHE A 262 -15.89 -9.18 -11.46
C PHE A 262 -15.79 -9.46 -12.95
N ILE A 263 -16.91 -9.52 -13.65
CA ILE A 263 -16.89 -9.93 -15.08
C ILE A 263 -16.87 -8.69 -15.97
N VAL A 264 -15.85 -8.62 -16.80
CA VAL A 264 -15.71 -7.61 -17.85
C VAL A 264 -16.08 -8.25 -19.19
N THR A 265 -16.81 -7.52 -20.03
CA THR A 265 -17.04 -7.95 -21.41
C THR A 265 -15.94 -7.34 -22.27
N SER A 266 -15.12 -8.19 -22.85
CA SER A 266 -13.96 -7.75 -23.64
C SER A 266 -14.42 -7.15 -24.97
N ASP A 267 -13.55 -6.35 -25.55
CA ASP A 267 -13.76 -5.84 -26.92
C ASP A 267 -13.88 -6.98 -27.92
N ASP A 268 -13.23 -8.11 -27.71
CA ASP A 268 -13.38 -9.30 -28.60
C ASP A 268 -14.70 -10.04 -28.30
N GLY A 269 -15.50 -9.62 -27.33
CA GLY A 269 -16.83 -10.19 -27.06
C GLY A 269 -16.85 -11.19 -25.89
N ARG A 270 -15.69 -11.59 -25.36
CA ARG A 270 -15.52 -12.67 -24.33
C ARG A 270 -15.87 -12.10 -22.95
N LYS A 271 -16.24 -12.97 -22.02
CA LYS A 271 -16.33 -12.62 -20.60
C LYS A 271 -14.98 -12.88 -19.95
N VAL A 272 -14.43 -11.88 -19.26
CA VAL A 272 -13.09 -11.95 -18.65
C VAL A 272 -13.22 -11.68 -17.16
N PRO A 273 -12.90 -12.67 -16.32
CA PRO A 273 -12.94 -12.46 -14.86
C PRO A 273 -11.77 -11.62 -14.38
N VAL A 274 -12.08 -10.73 -13.45
CA VAL A 274 -11.11 -9.84 -12.76
C VAL A 274 -11.22 -10.14 -11.26
N VAL A 275 -10.09 -10.39 -10.63
CA VAL A 275 -10.05 -10.69 -9.19
C VAL A 275 -9.01 -9.82 -8.49
N GLN A 276 -9.25 -9.66 -7.21
CA GLN A 276 -8.35 -9.02 -6.23
C GLN A 276 -8.75 -9.63 -4.88
N ALA A 277 -7.90 -9.48 -3.88
CA ALA A 277 -8.13 -10.12 -2.56
C ALA A 277 -7.73 -9.18 -1.42
N TYR A 278 -8.28 -7.97 -1.43
CA TYR A 278 -8.14 -7.00 -0.31
C TYR A 278 -6.65 -6.69 -0.09
N ALA A 279 -6.12 -6.85 1.12
CA ALA A 279 -4.75 -6.47 1.48
C ALA A 279 -4.37 -7.19 2.77
N PHE A 280 -3.12 -7.09 3.15
CA PHE A 280 -2.65 -7.39 4.53
C PHE A 280 -2.67 -8.89 4.82
N GLY A 281 -2.79 -9.75 3.82
CA GLY A 281 -2.80 -11.20 4.04
C GLY A 281 -3.98 -11.72 4.81
N LYS A 282 -5.07 -10.94 4.90
CA LYS A 282 -6.27 -11.37 5.63
C LYS A 282 -7.04 -12.46 4.88
N TYR A 283 -7.01 -12.41 3.56
CA TYR A 283 -7.70 -13.36 2.68
C TYR A 283 -6.73 -14.00 1.70
N LEU A 284 -7.06 -15.25 1.32
CA LEU A 284 -6.45 -15.90 0.16
C LEU A 284 -7.48 -15.89 -0.97
N GLY A 285 -7.17 -15.23 -2.06
CA GLY A 285 -8.01 -15.31 -3.26
C GLY A 285 -8.04 -16.74 -3.79
N TYR A 286 -9.18 -17.18 -4.28
CA TYR A 286 -9.39 -18.56 -4.78
C TYR A 286 -10.36 -18.48 -5.96
N LEU A 287 -9.86 -18.74 -7.16
CA LEU A 287 -10.68 -18.71 -8.38
C LEU A 287 -10.45 -20.00 -9.14
N LYS A 288 -11.54 -20.69 -9.46
CA LYS A 288 -11.52 -21.89 -10.30
C LYS A 288 -11.98 -21.51 -11.69
N ILE A 289 -11.19 -21.86 -12.70
CA ILE A 289 -11.45 -21.51 -14.13
CA ILE A 289 -11.45 -21.51 -14.13
C ILE A 289 -11.50 -22.81 -14.91
N GLU A 290 -12.54 -22.98 -15.72
CA GLU A 290 -12.61 -24.11 -16.66
C GLU A 290 -12.25 -23.57 -18.05
N PHE A 291 -11.31 -24.22 -18.72
CA PHE A 291 -10.87 -23.88 -20.09
C PHE A 291 -11.25 -25.01 -21.04
N ASP A 292 -11.58 -24.62 -22.25
CA ASP A 292 -11.71 -25.59 -23.36
C ASP A 292 -10.32 -25.85 -23.96
N GLU A 293 -10.30 -26.71 -24.97
CA GLU A 293 -9.06 -27.21 -25.63
C GLU A 293 -8.34 -26.05 -26.34
N ARG A 294 -9.05 -24.98 -26.67
CA ARG A 294 -8.53 -23.80 -27.42
C ARG A 294 -8.15 -22.68 -26.44
N GLY A 295 -8.26 -22.93 -25.13
CA GLY A 295 -7.85 -21.96 -24.10
C GLY A 295 -8.89 -20.87 -23.90
N ASN A 296 -10.15 -21.14 -24.23
CA ASN A 296 -11.25 -20.20 -23.93
C ASN A 296 -11.82 -20.51 -22.56
N VAL A 297 -12.10 -19.47 -21.79
CA VAL A 297 -12.73 -19.67 -20.46
C VAL A 297 -14.20 -20.06 -20.68
N ILE A 298 -14.59 -21.24 -20.18
CA ILE A 298 -15.99 -21.77 -20.20
C ILE A 298 -16.76 -21.26 -18.98
N SER A 299 -16.09 -21.19 -17.83
CA SER A 299 -16.71 -20.78 -16.57
C SER A 299 -15.61 -20.36 -15.60
N SER A 300 -16.01 -19.58 -14.63
CA SER A 300 -15.13 -19.24 -13.52
C SER A 300 -15.98 -18.97 -12.30
N HIS A 301 -15.48 -19.37 -11.14
CA HIS A 301 -16.18 -19.12 -9.88
C HIS A 301 -15.20 -19.21 -8.73
N GLY A 302 -15.54 -18.56 -7.64
CA GLY A 302 -14.73 -18.69 -6.44
C GLY A 302 -15.08 -17.66 -5.41
N ASN A 303 -14.14 -17.40 -4.53
CA ASN A 303 -14.30 -16.35 -3.50
C ASN A 303 -13.01 -16.28 -2.72
N PRO A 304 -12.64 -15.10 -2.20
CA PRO A 304 -11.55 -15.08 -1.24
C PRO A 304 -11.91 -15.88 0.03
N ILE A 305 -10.92 -16.49 0.62
CA ILE A 305 -11.06 -17.29 1.85
C ILE A 305 -10.49 -16.45 3.00
N LEU A 306 -11.35 -16.17 3.99
CA LEU A 306 -10.92 -15.45 5.19
C LEU A 306 -9.98 -16.35 6.00
N LEU A 307 -8.78 -15.87 6.26
CA LEU A 307 -7.77 -16.65 7.00
C LEU A 307 -7.94 -16.36 8.51
N ASP A 308 -9.00 -16.89 9.08
CA ASP A 308 -9.31 -16.65 10.49
C ASP A 308 -8.72 -17.77 11.37
N SER A 309 -8.97 -17.66 12.67
CA SER A 309 -8.27 -18.52 13.63
C SER A 309 -8.76 -19.97 13.56
N SER A 310 -9.81 -20.28 12.81
CA SER A 310 -10.24 -21.67 12.59
C SER A 310 -9.19 -22.44 11.78
N ILE A 311 -8.29 -21.75 11.08
CA ILE A 311 -7.21 -22.39 10.30
C ILE A 311 -5.97 -22.31 11.16
N PRO A 312 -5.36 -23.45 11.50
CA PRO A 312 -4.17 -23.40 12.36
C PRO A 312 -2.97 -22.79 11.62
N GLU A 313 -2.14 -22.12 12.40
CA GLU A 313 -0.82 -21.69 11.90
C GLU A 313 0.08 -22.92 11.73
N ASP A 314 0.76 -23.05 10.59
CA ASP A 314 1.71 -24.17 10.41
C ASP A 314 2.79 -24.05 11.47
N PRO A 315 3.06 -25.13 12.26
CA PRO A 315 4.00 -24.98 13.35
C PRO A 315 5.44 -24.68 12.92
N SER A 316 5.87 -25.27 11.79
N SER A 316 5.89 -25.19 11.78
CA SER A 316 7.24 -25.06 11.27
CA SER A 316 7.32 -24.98 11.37
C SER A 316 7.39 -23.58 10.90
C SER A 316 7.48 -23.57 10.78
N ILE A 317 6.47 -23.08 10.07
CA ILE A 317 6.58 -21.67 9.64
C ILE A 317 6.51 -20.76 10.88
N LYS A 318 5.62 -21.06 11.82
CA LYS A 318 5.47 -20.22 13.01
C LYS A 318 6.79 -20.19 13.77
N ALA A 319 7.45 -21.34 13.92
CA ALA A 319 8.72 -21.38 14.66
C ALA A 319 9.80 -20.55 13.95
N ASP A 320 9.83 -20.59 12.63
CA ASP A 320 10.79 -19.80 11.82
C ASP A 320 10.49 -18.30 12.00
N ILE A 321 9.21 -17.94 11.96
CA ILE A 321 8.76 -16.55 12.21
C ILE A 321 9.27 -16.13 13.60
N ASN A 322 9.09 -16.96 14.60
CA ASN A 322 9.52 -16.60 15.98
C ASN A 322 11.04 -16.43 16.03
N LYS A 323 11.81 -17.24 15.31
CA LYS A 323 13.28 -17.03 15.25
C LYS A 323 13.61 -15.67 14.61
N TRP A 324 12.97 -15.35 13.49
CA TRP A 324 13.25 -14.06 12.79
C TRP A 324 12.82 -12.89 13.68
N ARG A 325 11.84 -13.09 14.54
CA ARG A 325 11.36 -11.98 15.38
C ARG A 325 12.44 -11.47 16.37
N ILE A 326 13.43 -12.27 16.71
CA ILE A 326 14.43 -11.86 17.73
C ILE A 326 15.11 -10.55 17.31
N LYS A 327 15.51 -10.44 16.04
CA LYS A 327 16.19 -9.22 15.54
C LYS A 327 15.23 -8.02 15.57
N LEU A 328 13.92 -8.25 15.43
CA LEU A 328 12.92 -7.16 15.50
C LEU A 328 12.83 -6.63 16.92
N ASP A 329 12.78 -7.54 17.90
CA ASP A 329 12.75 -7.13 19.31
C ASP A 329 14.01 -6.33 19.61
N ASP A 330 15.18 -6.78 19.17
CA ASP A 330 16.47 -6.07 19.42
C ASP A 330 16.42 -4.68 18.79
N TYR A 331 15.99 -4.60 17.55
CA TYR A 331 15.97 -3.33 16.81
C TYR A 331 15.08 -2.31 17.54
N SER A 332 13.96 -2.78 18.08
CA SER A 332 12.87 -1.93 18.58
C SER A 332 13.32 -1.05 19.76
N THR A 333 14.40 -1.39 20.44
CA THR A 333 14.86 -0.60 21.62
C THR A 333 16.17 0.13 21.29
N GLN A 334 16.63 0.09 20.04
CA GLN A 334 17.87 0.81 19.63
C GLN A 334 17.57 2.29 19.39
N GLU A 335 18.58 3.12 19.62
CA GLU A 335 18.45 4.56 19.33
C GLU A 335 18.36 4.79 17.82
N LEU A 336 17.29 5.42 17.39
CA LEU A 336 17.11 5.85 15.98
C LEU A 336 17.78 7.20 15.74
N GLY A 337 17.73 8.05 16.74
CA GLY A 337 18.25 9.41 16.67
C GLY A 337 17.90 10.09 17.97
N LYS A 338 18.11 11.39 18.01
CA LYS A 338 17.89 12.16 19.25
C LYS A 338 16.94 13.33 19.01
N THR A 339 16.23 13.69 20.07
CA THR A 339 15.52 14.98 20.18
C THR A 339 16.15 15.80 21.32
N ILE A 340 16.31 17.09 21.08
CA ILE A 340 16.73 18.04 22.14
C ILE A 340 15.51 18.80 22.70
N VAL A 341 14.31 18.51 22.20
CA VAL A 341 13.06 19.14 22.68
C VAL A 341 12.12 18.04 23.18
N TYR A 342 11.29 18.41 24.13
CA TYR A 342 10.13 17.58 24.47
C TYR A 342 9.25 17.43 23.23
N LEU A 343 8.84 16.20 22.91
CA LEU A 343 7.93 15.98 21.77
C LEU A 343 6.51 15.90 22.32
N ASP A 344 5.81 17.01 22.21
CA ASP A 344 4.49 17.15 22.85
C ASP A 344 3.43 16.56 21.93
N GLY A 345 3.15 15.28 22.21
CA GLY A 345 2.03 14.53 21.63
C GLY A 345 0.88 14.34 22.59
N SER A 346 0.81 15.18 23.61
CA SER A 346 -0.32 15.14 24.57
C SER A 346 -1.61 15.52 23.86
N SER A 347 -2.73 14.95 24.29
CA SER A 347 -4.03 15.35 23.71
C SER A 347 -4.38 16.79 24.13
N GLN A 348 -4.01 17.20 25.34
CA GLN A 348 -4.30 18.56 25.81
C GLN A 348 -3.68 19.60 24.87
N SER A 349 -2.56 19.27 24.23
CA SER A 349 -1.98 20.13 23.17
C SER A 349 -2.58 19.78 21.80
N CYS A 350 -2.40 18.57 21.32
CA CYS A 350 -2.62 18.25 19.90
C CYS A 350 -4.08 18.21 19.49
N ARG A 351 -5.03 18.15 20.44
CA ARG A 351 -6.46 18.26 20.12
C ARG A 351 -6.97 19.69 20.30
N PHE A 352 -6.09 20.66 20.64
CA PHE A 352 -6.50 22.04 20.93
C PHE A 352 -5.72 23.10 20.15
N ARG A 353 -4.50 22.84 19.73
CA ARG A 353 -3.67 23.88 19.12
C ARG A 353 -2.53 23.20 18.41
N GLU A 354 -1.75 23.95 17.68
CA GLU A 354 -0.53 23.42 17.04
C GLU A 354 0.32 22.75 18.12
N CYS A 355 0.79 21.54 17.86
CA CYS A 355 1.67 20.81 18.78
C CYS A 355 2.91 20.36 18.02
N ASN A 356 4.05 20.37 18.70
CA ASN A 356 5.29 20.12 17.96
C ASN A 356 5.42 18.66 17.53
N MET A 357 4.75 17.70 18.19
CA MET A 357 4.76 16.32 17.70
C MET A 357 4.01 16.28 16.36
N GLY A 358 2.90 16.99 16.24
CA GLY A 358 2.17 17.06 14.97
C GLY A 358 3.03 17.62 13.84
N ASN A 359 3.78 18.70 14.13
CA ASN A 359 4.67 19.31 13.12
C ASN A 359 5.73 18.29 12.70
N LEU A 360 6.34 17.58 13.66
CA LEU A 360 7.36 16.57 13.36
C LEU A 360 6.77 15.53 12.39
N ILE A 361 5.63 14.98 12.74
CA ILE A 361 5.06 13.87 11.96
C ILE A 361 4.71 14.36 10.57
N CYS A 362 4.10 15.54 10.44
CA CYS A 362 3.79 16.06 9.10
C CYS A 362 5.06 16.39 8.31
N ASP A 363 6.11 16.90 8.98
CA ASP A 363 7.38 17.15 8.27
C ASP A 363 7.99 15.84 7.77
N ALA A 364 7.87 14.78 8.56
CA ALA A 364 8.34 13.46 8.15
C ALA A 364 7.53 12.96 6.97
N MET A 365 6.22 13.16 7.00
CA MET A 365 5.32 12.76 5.90
C MET A 365 5.76 13.43 4.60
N ILE A 366 5.98 14.74 4.63
CA ILE A 366 6.40 15.46 3.42
C ILE A 366 7.77 14.96 2.96
N ASN A 367 8.70 14.75 3.89
CA ASN A 367 10.04 14.28 3.49
C ASN A 367 9.95 12.90 2.83
N ASN A 368 9.08 12.02 3.33
CA ASN A 368 8.92 10.65 2.76
C ASN A 368 8.38 10.70 1.32
N ASN A 369 7.68 11.78 0.96
CA ASN A 369 7.01 11.90 -0.35
C ASN A 369 7.79 12.84 -1.29
N LEU A 370 9.06 13.06 -0.99
CA LEU A 370 9.95 13.71 -1.96
C LEU A 370 10.24 12.68 -3.04
N ARG A 371 9.80 12.97 -4.26
CA ARG A 371 10.00 12.07 -5.40
C ARG A 371 10.70 12.85 -6.49
N HIS A 372 11.08 12.21 -7.57
CA HIS A 372 11.74 12.93 -8.70
C HIS A 372 10.75 13.93 -9.34
N ALA A 373 11.24 15.11 -9.72
CA ALA A 373 10.43 16.25 -10.17
C ALA A 373 10.95 16.79 -11.50
N ASP A 374 10.01 17.23 -12.34
CA ASP A 374 10.21 17.97 -13.61
C ASP A 374 10.65 19.41 -13.33
N GLU A 375 10.82 20.13 -14.43
CA GLU A 375 10.84 21.61 -14.44
C GLU A 375 9.47 22.16 -13.99
N MET A 376 8.45 21.33 -13.77
CA MET A 376 7.06 21.80 -13.49
C MET A 376 6.82 21.95 -11.99
N PHE A 377 7.63 21.36 -11.13
CA PHE A 377 7.38 21.42 -9.67
C PHE A 377 8.67 21.17 -8.91
N TRP A 378 8.80 21.78 -7.74
CA TRP A 378 9.96 21.43 -6.88
C TRP A 378 9.75 20.04 -6.29
N ASN A 379 8.51 19.72 -5.94
CA ASN A 379 8.09 18.37 -5.55
C ASN A 379 6.62 18.28 -5.87
N HIS A 380 6.12 17.07 -6.13
CA HIS A 380 4.72 16.90 -6.56
C HIS A 380 3.74 17.16 -5.43
N VAL A 381 4.15 17.08 -4.18
CA VAL A 381 3.27 17.27 -3.03
C VAL A 381 3.99 18.10 -1.96
N SER A 382 3.25 18.98 -1.32
CA SER A 382 3.79 19.95 -0.33
C SER A 382 2.98 20.01 0.97
N MET A 383 1.87 19.27 1.06
CA MET A 383 0.85 19.48 2.09
C MET A 383 0.56 18.21 2.87
N CYS A 384 0.25 18.40 4.14
CA CYS A 384 0.01 17.31 5.09
C CYS A 384 -1.08 17.71 6.08
N ILE A 385 -2.00 16.79 6.38
CA ILE A 385 -2.89 16.94 7.55
C ILE A 385 -2.82 15.65 8.37
N LEU A 386 -3.02 15.82 9.67
CA LEU A 386 -2.88 14.71 10.64
C LEU A 386 -3.85 15.01 11.77
N ASN A 387 -4.84 14.16 12.00
CA ASN A 387 -5.79 14.38 13.11
C ASN A 387 -5.08 14.17 14.46
N GLY A 388 -5.38 15.05 15.41
CA GLY A 388 -4.84 14.91 16.76
C GLY A 388 -5.25 13.60 17.42
N GLY A 389 -6.41 13.07 17.06
CA GLY A 389 -6.84 11.76 17.55
C GLY A 389 -5.88 10.62 17.20
N GLY A 390 -5.06 10.80 16.18
CA GLY A 390 -4.11 9.79 15.77
C GLY A 390 -2.76 9.89 16.48
N ILE A 391 -2.56 10.94 17.28
CA ILE A 391 -1.29 11.15 18.02
C ILE A 391 -1.53 10.69 19.45
N ARG A 392 -0.88 9.61 19.87
CA ARG A 392 -1.35 8.87 21.07
C ARG A 392 -0.40 8.97 22.24
N SER A 393 0.72 9.67 22.12
CA SER A 393 1.65 9.83 23.25
C SER A 393 2.61 10.95 22.95
N PRO A 394 3.16 11.59 24.01
CA PRO A 394 4.37 12.38 23.87
C PRO A 394 5.60 11.48 23.90
N ILE A 395 6.76 12.08 23.62
CA ILE A 395 8.07 11.43 23.86
C ILE A 395 8.91 12.41 24.67
N ASP A 396 9.35 11.99 25.84
N ASP A 396 9.41 11.92 25.80
CA ASP A 396 10.22 12.79 26.71
CA ASP A 396 10.30 12.65 26.72
C ASP A 396 11.67 12.74 26.20
C ASP A 396 11.71 12.72 26.11
N GLU A 397 12.32 13.91 26.16
CA GLU A 397 13.70 14.09 25.69
C GLU A 397 14.74 13.78 26.75
N ARG A 398 14.34 13.49 27.99
CA ARG A 398 15.33 13.39 29.08
C ARG A 398 15.91 11.97 29.24
N ASN A 399 15.72 11.07 28.28
CA ASN A 399 16.44 9.76 28.21
C ASN A 399 17.68 9.98 27.32
N ASP A 400 18.50 10.97 27.66
CA ASP A 400 19.69 11.35 26.85
C ASP A 400 19.27 11.72 25.42
N GLY A 401 18.04 12.19 25.24
CA GLY A 401 17.51 12.55 23.92
C GLY A 401 17.11 11.37 23.06
N THR A 402 17.35 10.14 23.49
CA THR A 402 17.12 8.95 22.64
C THR A 402 15.65 8.87 22.24
N ILE A 403 15.46 8.48 20.98
CA ILE A 403 14.14 8.02 20.47
C ILE A 403 14.33 6.63 19.89
N THR A 404 13.48 5.70 20.31
CA THR A 404 13.46 4.33 19.80
C THR A 404 12.19 4.06 19.00
N TRP A 405 12.20 2.97 18.26
CA TRP A 405 10.99 2.49 17.56
C TRP A 405 9.86 2.29 18.56
N GLU A 406 10.15 1.67 19.71
CA GLU A 406 9.13 1.45 20.75
C GLU A 406 8.49 2.77 21.16
N ASN A 407 9.29 3.81 21.32
CA ASN A 407 8.73 5.14 21.66
C ASN A 407 7.77 5.60 20.56
N LEU A 408 8.17 5.50 19.30
CA LEU A 408 7.30 5.90 18.18
C LEU A 408 6.03 5.05 18.13
N ALA A 409 6.11 3.78 18.47
CA ALA A 409 4.93 2.90 18.46
C ALA A 409 3.91 3.32 19.52
N ALA A 410 4.33 4.00 20.57
CA ALA A 410 3.37 4.55 21.55
C ALA A 410 2.64 5.75 20.93
N VAL A 411 3.32 6.53 20.11
CA VAL A 411 2.70 7.70 19.46
C VAL A 411 1.74 7.24 18.37
N LEU A 412 2.13 6.23 17.61
CA LEU A 412 1.43 5.75 16.40
C LEU A 412 1.25 4.25 16.56
N PRO A 413 0.20 3.82 17.27
CA PRO A 413 0.09 2.41 17.67
C PRO A 413 -0.79 1.55 16.76
N PHE A 414 -1.36 2.09 15.71
CA PHE A 414 -2.46 1.42 14.99
C PHE A 414 -2.04 0.74 13.69
N GLY A 415 -0.78 0.88 13.29
CA GLY A 415 -0.26 0.14 12.13
C GLY A 415 -0.76 0.68 10.82
N GLY A 416 -1.16 1.95 10.76
CA GLY A 416 -1.68 2.57 9.54
C GLY A 416 -0.58 3.03 8.60
N THR A 417 -0.98 3.74 7.56
CA THR A 417 -0.10 4.29 6.54
C THR A 417 -0.39 5.79 6.41
N PHE A 418 0.59 6.47 5.82
CA PHE A 418 0.45 7.89 5.45
C PHE A 418 0.34 7.92 3.94
N ASP A 419 -0.87 8.15 3.48
CA ASP A 419 -1.32 8.00 2.09
C ASP A 419 -1.32 9.31 1.32
N LEU A 420 -1.34 9.19 -0.01
CA LEU A 420 -1.41 10.33 -0.93
C LEU A 420 -2.82 10.42 -1.50
N VAL A 421 -3.44 11.58 -1.37
CA VAL A 421 -4.77 11.81 -1.96
C VAL A 421 -4.73 13.10 -2.78
N GLN A 422 -5.71 13.22 -3.66
CA GLN A 422 -6.00 14.47 -4.37
C GLN A 422 -7.36 14.98 -3.89
N LEU A 423 -7.39 16.21 -3.40
CA LEU A 423 -8.59 16.88 -2.84
C LEU A 423 -8.77 18.26 -3.50
N LYS A 424 -10.00 18.55 -3.91
CA LYS A 424 -10.33 19.94 -4.26
C LYS A 424 -10.13 20.86 -3.05
N GLY A 425 -9.80 22.11 -3.31
CA GLY A 425 -9.70 23.10 -2.22
C GLY A 425 -10.99 23.17 -1.43
N SER A 426 -12.15 23.12 -2.08
CA SER A 426 -13.44 23.16 -1.35
C SER A 426 -13.50 22.03 -0.33
N THR A 427 -13.06 20.84 -0.69
CA THR A 427 -13.06 19.68 0.23
C THR A 427 -12.13 19.97 1.41
N LEU A 428 -10.94 20.47 1.11
N LEU A 428 -10.95 20.53 1.16
CA LEU A 428 -9.96 20.78 2.18
CA LEU A 428 -10.02 20.86 2.28
C LEU A 428 -10.53 21.89 3.11
C LEU A 428 -10.61 21.91 3.20
N LYS A 429 -11.24 22.91 2.60
CA LYS A 429 -11.88 23.93 3.47
C LYS A 429 -12.93 23.26 4.36
N LYS A 430 -13.73 22.38 3.79
CA LYS A 430 -14.71 21.64 4.63
C LYS A 430 -13.99 20.83 5.72
N ALA A 431 -12.85 20.20 5.39
CA ALA A 431 -12.10 19.42 6.39
C ALA A 431 -11.66 20.34 7.53
N PHE A 432 -11.13 21.53 7.20
CA PHE A 432 -10.70 22.46 8.28
C PHE A 432 -11.88 23.01 9.07
N GLU A 433 -13.04 23.19 8.45
CA GLU A 433 -14.23 23.55 9.26
C GLU A 433 -14.59 22.40 10.19
N HIS A 434 -14.56 21.17 9.70
CA HIS A 434 -14.85 20.00 10.55
C HIS A 434 -13.88 19.95 11.75
N SER A 435 -12.61 20.26 11.49
CA SER A 435 -11.53 20.26 12.50
C SER A 435 -11.90 21.05 13.76
N VAL A 436 -12.72 22.09 13.64
CA VAL A 436 -13.06 22.97 14.79
C VAL A 436 -14.57 23.11 14.98
N HIS A 437 -15.40 22.28 14.36
CA HIS A 437 -16.88 22.49 14.37
C HIS A 437 -17.43 22.38 15.79
N ARG A 438 -16.80 21.60 16.66
CA ARG A 438 -17.24 21.44 18.06
C ARG A 438 -16.02 21.68 18.97
N TYR A 439 -15.17 22.62 18.59
CA TYR A 439 -13.93 22.91 19.34
C TYR A 439 -14.21 23.07 20.83
N GLY A 440 -13.32 22.49 21.64
CA GLY A 440 -13.30 22.67 23.10
C GLY A 440 -13.57 21.39 23.88
N GLN A 441 -13.88 20.30 23.18
CA GLN A 441 -14.28 19.01 23.78
C GLN A 441 -13.17 17.97 23.72
N SER A 442 -11.97 18.32 23.28
CA SER A 442 -10.87 17.31 23.19
C SER A 442 -11.27 16.14 22.26
N THR A 443 -11.83 16.47 21.11
CA THR A 443 -12.21 15.46 20.09
C THR A 443 -11.08 15.30 19.07
N GLY A 444 -11.06 14.15 18.43
CA GLY A 444 -9.90 13.72 17.63
C GLY A 444 -9.70 14.48 16.33
N GLU A 445 -10.73 15.15 15.83
CA GLU A 445 -10.69 15.67 14.45
C GLU A 445 -9.81 16.94 14.31
N PHE A 446 -9.35 17.56 15.38
CA PHE A 446 -8.51 18.77 15.23
C PHE A 446 -7.26 18.44 14.43
N LEU A 447 -6.95 19.24 13.41
CA LEU A 447 -5.87 18.89 12.46
C LEU A 447 -4.54 19.57 12.79
N GLN A 448 -3.51 18.75 12.87
CA GLN A 448 -2.11 19.19 12.74
C GLN A 448 -1.76 19.23 11.26
N VAL A 449 -0.76 20.02 10.90
CA VAL A 449 -0.53 20.36 9.48
C VAL A 449 0.96 20.48 9.15
N GLY A 450 1.20 20.38 7.84
CA GLY A 450 2.47 20.77 7.22
C GLY A 450 2.16 21.36 5.86
N GLY A 451 2.89 22.42 5.49
CA GLY A 451 2.66 23.06 4.19
C GLY A 451 1.33 23.78 4.07
N ILE A 452 0.70 24.03 5.22
CA ILE A 452 -0.61 24.70 5.34
C ILE A 452 -0.50 25.65 6.53
N HIS A 453 -1.01 26.86 6.36
CA HIS A 453 -1.15 27.83 7.48
C HIS A 453 -2.62 28.19 7.57
N VAL A 454 -3.23 27.90 8.70
CA VAL A 454 -4.68 28.14 8.89
C VAL A 454 -4.85 29.12 10.05
N VAL A 455 -5.88 29.95 9.93
CA VAL A 455 -6.33 30.84 11.03
C VAL A 455 -7.82 30.59 11.21
N TYR A 456 -8.18 30.33 12.46
CA TYR A 456 -9.57 30.14 12.88
C TYR A 456 -10.07 31.36 13.65
N ASP A 457 -11.36 31.64 13.55
CA ASP A 457 -12.06 32.57 14.44
C ASP A 457 -13.21 31.80 15.09
N LEU A 458 -12.99 31.35 16.30
CA LEU A 458 -13.97 30.45 16.97
C LEU A 458 -15.24 31.22 17.36
N SER A 459 -15.25 32.53 17.27
CA SER A 459 -16.47 33.33 17.58
C SER A 459 -17.50 33.19 16.45
N ARG A 460 -17.10 32.70 15.29
CA ARG A 460 -18.00 32.52 14.13
C ARG A 460 -18.79 31.22 14.27
N LYS A 461 -19.86 31.05 13.50
CA LYS A 461 -20.69 29.83 13.52
C LYS A 461 -19.87 28.63 13.07
N PRO A 462 -20.13 27.44 13.63
CA PRO A 462 -19.58 26.22 13.04
C PRO A 462 -19.84 26.21 11.52
N GLY A 463 -18.82 25.82 10.76
CA GLY A 463 -18.87 25.76 9.30
C GLY A 463 -18.37 27.04 8.67
N ASP A 464 -18.12 28.07 9.49
CA ASP A 464 -17.64 29.37 8.98
C ASP A 464 -16.53 29.96 9.87
N ARG A 465 -15.74 29.09 10.49
CA ARG A 465 -14.68 29.51 11.44
C ARG A 465 -13.30 29.65 10.76
N VAL A 466 -13.10 29.11 9.56
CA VAL A 466 -11.80 29.24 8.87
C VAL A 466 -11.77 30.62 8.22
N VAL A 467 -10.91 31.50 8.69
CA VAL A 467 -10.84 32.88 8.16
C VAL A 467 -9.59 33.09 7.30
N LYS A 468 -8.61 32.21 7.33
CA LYS A 468 -7.44 32.28 6.43
C LYS A 468 -6.96 30.86 6.21
N LEU A 469 -6.64 30.50 4.99
CA LEU A 469 -6.10 29.17 4.69
C LEU A 469 -5.16 29.34 3.52
N ASP A 470 -3.86 29.23 3.79
CA ASP A 470 -2.79 29.38 2.79
C ASP A 470 -2.07 28.06 2.68
N VAL A 471 -1.60 27.75 1.50
CA VAL A 471 -0.96 26.46 1.18
C VAL A 471 0.33 26.66 0.41
N LEU A 472 1.26 25.76 0.64
CA LEU A 472 2.58 25.82 -0.02
C LEU A 472 2.44 25.40 -1.48
N CYS A 473 2.93 26.22 -2.37
CA CYS A 473 2.90 25.88 -3.81
C CYS A 473 3.75 24.64 -4.08
N THR A 474 3.40 23.94 -5.16
CA THR A 474 4.20 22.86 -5.77
C THR A 474 4.77 23.30 -7.12
N SER A 475 3.94 23.94 -7.95
CA SER A 475 4.34 24.35 -9.30
C SER A 475 5.03 25.70 -9.19
N CYS A 476 6.22 25.69 -8.63
CA CYS A 476 6.99 26.89 -8.29
C CYS A 476 8.41 26.42 -8.01
N ARG A 477 9.38 27.25 -8.32
CA ARG A 477 10.79 26.94 -8.05
C ARG A 477 11.19 27.34 -6.64
N VAL A 478 10.52 28.35 -6.08
CA VAL A 478 10.71 28.80 -4.69
C VAL A 478 9.42 28.50 -3.96
N PRO A 479 9.39 27.58 -2.99
CA PRO A 479 8.14 27.31 -2.28
C PRO A 479 7.72 28.52 -1.46
N SER A 480 6.45 28.90 -1.59
CA SER A 480 5.83 29.99 -0.84
C SER A 480 4.34 29.69 -0.71
N TYR A 481 3.72 30.45 0.17
CA TYR A 481 2.31 30.23 0.52
C TYR A 481 1.39 31.15 -0.27
N ASP A 482 0.29 30.58 -0.75
CA ASP A 482 -0.74 31.24 -1.58
C ASP A 482 -2.07 30.91 -0.93
N PRO A 483 -3.10 31.74 -1.07
CA PRO A 483 -4.42 31.36 -0.60
C PRO A 483 -4.89 30.08 -1.28
N LEU A 484 -5.55 29.24 -0.50
N LEU A 484 -5.62 29.27 -0.50
CA LEU A 484 -6.19 28.04 -1.07
CA LEU A 484 -6.33 28.07 -1.03
C LEU A 484 -7.31 28.48 -2.02
C LEU A 484 -7.30 28.52 -2.11
N LYS A 485 -7.31 27.88 -3.21
N LYS A 485 -7.41 27.71 -3.16
CA LYS A 485 -8.38 28.10 -4.22
CA LYS A 485 -8.32 27.97 -4.30
C LYS A 485 -9.36 26.92 -4.17
C LYS A 485 -9.37 26.86 -4.34
N MET A 486 -10.64 27.24 -4.28
CA MET A 486 -11.71 26.23 -4.05
C MET A 486 -11.80 25.20 -5.18
N ASP A 487 -11.49 25.58 -6.41
CA ASP A 487 -11.60 24.65 -7.57
C ASP A 487 -10.33 23.88 -7.83
N GLU A 488 -9.20 24.33 -7.27
N GLU A 488 -9.23 24.26 -7.21
CA GLU A 488 -7.90 23.67 -7.53
CA GLU A 488 -7.94 23.62 -7.56
C GLU A 488 -7.89 22.31 -6.83
C GLU A 488 -7.79 22.33 -6.76
N VAL A 489 -7.16 21.37 -7.41
CA VAL A 489 -6.96 20.04 -6.82
C VAL A 489 -5.56 20.00 -6.21
N TYR A 490 -5.50 19.65 -4.94
CA TYR A 490 -4.24 19.60 -4.19
C TYR A 490 -3.89 18.17 -3.84
N LYS A 491 -2.61 17.83 -3.96
CA LYS A 491 -2.10 16.60 -3.35
C LYS A 491 -1.92 16.84 -1.85
N VAL A 492 -2.31 15.87 -1.06
CA VAL A 492 -2.19 15.96 0.40
C VAL A 492 -1.75 14.59 0.91
N ILE A 493 -0.86 14.60 1.88
N ILE A 493 -0.79 14.58 1.82
CA ILE A 493 -0.44 13.37 2.60
CA ILE A 493 -0.43 13.35 2.57
C ILE A 493 -1.20 13.32 3.93
C ILE A 493 -1.28 13.34 3.83
N LEU A 494 -1.87 12.21 4.17
CA LEU A 494 -2.72 12.10 5.38
C LEU A 494 -2.84 10.64 5.76
N PRO A 495 -3.24 10.36 7.02
CA PRO A 495 -3.40 8.98 7.43
C PRO A 495 -4.47 8.23 6.65
N ASN A 496 -4.27 6.94 6.41
N ASN A 496 -4.24 6.94 6.45
CA ASN A 496 -5.34 6.13 5.79
CA ASN A 496 -5.27 6.07 5.84
C ASN A 496 -6.63 6.25 6.62
C ASN A 496 -6.59 6.23 6.61
N PHE A 497 -6.51 6.41 7.94
CA PHE A 497 -7.70 6.55 8.79
C PHE A 497 -8.56 7.70 8.28
N LEU A 498 -7.96 8.85 7.92
CA LEU A 498 -8.72 10.00 7.39
C LEU A 498 -9.15 9.78 5.95
N ALA A 499 -8.35 9.14 5.12
CA ALA A 499 -8.76 8.86 3.72
C ALA A 499 -10.05 8.03 3.72
N ASN A 500 -10.21 7.18 4.74
CA ASN A 500 -11.37 6.29 4.90
C ASN A 500 -12.49 6.95 5.71
N GLY A 501 -12.40 8.25 5.98
CA GLY A 501 -13.48 8.99 6.65
C GLY A 501 -13.50 8.90 8.16
N GLY A 502 -12.41 8.51 8.78
CA GLY A 502 -12.30 8.44 10.24
C GLY A 502 -12.43 9.80 10.89
N ASP A 503 -12.75 9.80 12.17
CA ASP A 503 -12.94 11.05 12.96
C ASP A 503 -13.90 12.00 12.25
N GLY A 504 -14.89 11.44 11.57
CA GLY A 504 -15.97 12.24 10.97
C GLY A 504 -15.61 12.94 9.66
N PHE A 505 -14.45 12.65 9.06
CA PHE A 505 -14.03 13.28 7.80
C PHE A 505 -14.68 12.62 6.59
N GLN A 506 -16.00 12.55 6.59
CA GLN A 506 -16.71 11.86 5.50
C GLN A 506 -16.47 12.59 4.17
N MET A 507 -16.32 13.91 4.21
CA MET A 507 -16.08 14.69 2.99
C MET A 507 -14.79 14.25 2.30
N ILE A 508 -13.76 13.83 3.04
CA ILE A 508 -12.51 13.36 2.40
C ILE A 508 -12.81 12.07 1.64
N LYS A 509 -13.40 11.09 2.32
CA LYS A 509 -13.71 9.79 1.68
C LYS A 509 -14.60 10.01 0.46
N ASP A 510 -15.62 10.85 0.58
CA ASP A 510 -16.65 10.94 -0.48
C ASP A 510 -16.19 11.82 -1.64
N GLU A 511 -15.28 12.76 -1.42
CA GLU A 511 -14.97 13.79 -2.45
C GLU A 511 -13.55 13.61 -3.02
N LEU A 512 -12.72 12.76 -2.47
CA LEU A 512 -11.34 12.67 -3.00
C LEU A 512 -11.37 12.20 -4.47
N LEU A 513 -10.43 12.72 -5.25
N LEU A 513 -10.38 12.61 -5.23
CA LEU A 513 -10.28 12.41 -6.70
CA LEU A 513 -10.32 12.31 -6.69
C LEU A 513 -9.40 11.18 -6.88
C LEU A 513 -9.24 11.27 -6.99
N ARG A 514 -8.38 10.97 -6.04
CA ARG A 514 -7.37 9.91 -6.19
C ARG A 514 -6.92 9.53 -4.78
N HIS A 515 -6.59 8.27 -4.54
N HIS A 515 -6.58 8.26 -4.63
CA HIS A 515 -6.08 7.78 -3.23
CA HIS A 515 -6.01 7.74 -3.39
C HIS A 515 -5.13 6.60 -3.49
C HIS A 515 -5.00 6.67 -3.75
N ASP A 516 -3.86 6.70 -3.08
CA ASP A 516 -2.87 5.62 -3.18
C ASP A 516 -2.27 5.39 -1.79
N SER A 517 -2.19 4.14 -1.39
CA SER A 517 -1.68 3.76 -0.05
C SER A 517 -0.18 4.08 0.06
N GLY A 518 0.23 4.65 1.16
CA GLY A 518 1.62 5.03 1.38
C GLY A 518 2.33 4.12 2.36
N ASP A 519 3.41 4.64 2.92
CA ASP A 519 4.31 3.88 3.79
C ASP A 519 3.75 3.79 5.21
N GLN A 520 4.23 2.80 5.94
CA GLN A 520 3.78 2.64 7.34
C GLN A 520 4.10 3.88 8.17
N ASP A 521 3.12 4.26 8.99
CA ASP A 521 3.20 5.47 9.84
C ASP A 521 4.49 5.52 10.66
N ILE A 522 4.78 4.51 11.47
CA ILE A 522 6.01 4.57 12.31
C ILE A 522 7.23 4.65 11.42
N ASN A 523 7.27 3.86 10.36
CA ASN A 523 8.45 3.82 9.49
C ASN A 523 8.74 5.18 8.89
N VAL A 524 7.71 5.92 8.50
CA VAL A 524 7.89 7.28 7.95
C VAL A 524 8.61 8.14 8.98
N VAL A 525 8.16 8.11 10.21
CA VAL A 525 8.77 9.00 11.25
C VAL A 525 10.16 8.51 11.61
N SER A 526 10.34 7.19 11.73
CA SER A 526 11.67 6.64 12.11
CA SER A 526 11.65 6.58 12.06
C SER A 526 12.70 7.00 11.03
N THR A 527 12.37 6.87 9.75
CA THR A 527 13.31 7.20 8.68
C THR A 527 13.71 8.67 8.78
N TYR A 528 12.74 9.55 8.98
CA TYR A 528 13.04 10.99 9.10
C TYR A 528 13.99 11.27 10.27
N ILE A 529 13.68 10.72 11.43
CA ILE A 529 14.54 10.94 12.61
C ILE A 529 15.94 10.41 12.34
N SER A 530 16.08 9.23 11.76
N SER A 530 16.01 9.20 11.79
CA SER A 530 17.42 8.67 11.48
CA SER A 530 17.29 8.57 11.41
C SER A 530 18.17 9.54 10.48
C SER A 530 18.10 9.54 10.53
N LYS A 531 17.48 10.08 9.48
CA LYS A 531 18.12 11.00 8.49
C LYS A 531 18.59 12.28 9.20
N MET A 532 17.73 12.87 10.03
CA MET A 532 17.99 14.19 10.66
C MET A 532 19.03 14.07 11.78
N LYS A 533 19.09 12.93 12.47
CA LYS A 533 20.03 12.61 13.58
C LYS A 533 19.65 13.33 14.87
N VAL A 534 19.44 14.63 14.81
CA VAL A 534 19.02 15.44 15.98
C VAL A 534 17.87 16.32 15.52
N ILE A 535 16.75 16.19 16.19
CA ILE A 535 15.55 16.98 15.83
C ILE A 535 15.20 17.97 16.93
N TYR A 536 14.49 19.01 16.54
CA TYR A 536 14.11 20.12 17.44
C TYR A 536 12.88 20.82 16.91
N PRO A 537 11.77 20.09 16.66
CA PRO A 537 10.57 20.74 16.12
C PRO A 537 9.99 21.80 17.09
N ALA A 538 9.59 22.92 16.53
CA ALA A 538 9.00 24.06 17.22
C ALA A 538 7.51 24.14 16.89
N VAL A 539 6.79 24.86 17.74
CA VAL A 539 5.45 25.41 17.43
C VAL A 539 5.68 26.77 16.80
N GLU A 540 5.22 27.00 15.57
CA GLU A 540 5.73 28.14 14.80
C GLU A 540 4.64 28.99 14.16
N GLY A 541 3.36 28.74 14.40
CA GLY A 541 2.29 29.53 13.81
C GLY A 541 1.63 28.91 12.60
N ARG A 542 1.77 27.62 12.40
CA ARG A 542 1.02 26.93 11.32
C ARG A 542 -0.49 27.01 11.57
N ILE A 543 -0.89 27.03 12.84
CA ILE A 543 -2.30 27.12 13.26
C ILE A 543 -2.42 28.30 14.22
N LYS A 544 -3.27 29.25 13.90
CA LYS A 544 -3.53 30.41 14.80
C LYS A 544 -5.03 30.57 15.01
N PHE A 545 -5.34 31.25 16.10
CA PHE A 545 -6.72 31.63 16.47
C PHE A 545 -6.81 33.16 16.53
N SER A 546 -7.89 33.72 16.02
CA SER A 546 -8.26 35.17 16.17
C SER A 546 -8.72 35.40 17.62
#